data_7OVG
#
_entry.id   7OVG
#
_cell.length_a   44.979
_cell.length_b   57.012
_cell.length_c   61.358
_cell.angle_alpha   68.09
_cell.angle_beta   85.16
_cell.angle_gamma   76.93
#
_symmetry.space_group_name_H-M   'P 1'
#
loop_
_entity.id
_entity.type
_entity.pdbx_description
1 polymer 'CN hydrolase domain-containing protein'
2 non-polymer ACETAMIDE
3 non-polymer 'CHLORIDE ION'
4 water water
#
_entity_poly.entity_id   1
_entity_poly.type   'polypeptide(L)'
_entity_poly.pdbx_seq_one_letter_code
;HMVKVGYIQMEPKILELDKNYSKAEKLIKEASKEGAKLVVLPELFDTGYNFESREEVFDVAQQIPEGETTTFLMELAREL
GLYIVAGTAEKSGNYLYNSAVVVGPRGYIGKYRKIHLFYREKVFFEPGDLGFKVFDIGFAKVGVMIAFDWFFPESARTLA
LKGAEIIAHPANLVMPYAPRAMPIRALENRVYTITADRVGEERGLKFIGKSLIASPKAEVLSIASETEEEIGVVEIDLNL
ARNKRLNDMNDIFKDRREEYYFR
;
_entity_poly.pdbx_strand_id   A,B
#
# COMPACT_ATOMS: atom_id res chain seq x y z
N HIS A 1 -9.59 -25.20 7.95
CA HIS A 1 -8.97 -23.83 7.77
C HIS A 1 -7.43 -23.68 7.54
N MET A 2 -6.64 -24.74 7.74
CA MET A 2 -5.22 -24.75 7.28
C MET A 2 -5.16 -25.34 5.87
N VAL A 3 -4.48 -24.68 4.94
CA VAL A 3 -4.35 -25.22 3.62
C VAL A 3 -2.98 -24.89 3.00
N LYS A 4 -2.44 -25.78 2.18
CA LYS A 4 -1.15 -25.56 1.56
C LYS A 4 -1.36 -24.94 0.15
N VAL A 5 -0.62 -23.86 -0.10
CA VAL A 5 -0.73 -23.11 -1.36
C VAL A 5 0.67 -22.80 -1.84
N GLY A 6 0.82 -22.50 -3.13
CA GLY A 6 2.09 -22.20 -3.63
C GLY A 6 2.20 -21.47 -4.93
N TYR A 7 3.41 -20.96 -5.18
CA TYR A 7 3.79 -20.34 -6.49
C TYR A 7 4.67 -21.32 -7.25
N ILE A 8 4.69 -21.15 -8.57
CA ILE A 8 5.55 -21.87 -9.42
C ILE A 8 6.33 -20.76 -10.16
N GLN A 9 7.64 -20.65 -9.89
CA GLN A 9 8.49 -19.68 -10.51
C GLN A 9 9.19 -20.39 -11.68
N MET A 10 8.88 -19.99 -12.90
CA MET A 10 9.40 -20.66 -14.07
C MET A 10 9.91 -19.64 -15.07
N GLU A 11 10.63 -20.13 -16.09
CA GLU A 11 11.20 -19.31 -17.16
C GLU A 11 10.52 -19.72 -18.45
N PRO A 12 9.42 -19.05 -18.84
CA PRO A 12 8.82 -19.29 -20.15
C PRO A 12 9.81 -18.98 -21.28
N LYS A 13 9.84 -19.85 -22.28
CA LYS A 13 10.50 -19.58 -23.56
C LYS A 13 9.51 -19.00 -24.54
N ILE A 14 9.86 -17.82 -25.07
CA ILE A 14 8.92 -17.05 -25.86
C ILE A 14 8.43 -17.86 -27.07
N LEU A 15 7.11 -17.88 -27.24
CA LEU A 15 6.39 -18.57 -28.33
C LEU A 15 6.45 -20.09 -28.34
N GLU A 16 7.08 -20.72 -27.34
CA GLU A 16 7.20 -22.19 -27.34
C GLU A 16 6.22 -22.83 -26.35
N LEU A 17 4.96 -22.85 -26.74
CA LEU A 17 3.86 -23.21 -25.85
C LEU A 17 4.03 -24.59 -25.27
N ASP A 18 4.39 -25.58 -26.11
CA ASP A 18 4.56 -26.98 -25.65
C ASP A 18 5.65 -27.13 -24.63
N LYS A 19 6.79 -26.47 -24.87
CA LYS A 19 7.88 -26.49 -23.92
C LYS A 19 7.45 -25.88 -22.56
N ASN A 20 6.64 -24.82 -22.62
CA ASN A 20 6.22 -24.13 -21.41
C ASN A 20 5.19 -24.95 -20.64
N TYR A 21 4.31 -25.64 -21.37
CA TYR A 21 3.40 -26.65 -20.77
C TYR A 21 4.23 -27.69 -20.01
N SER A 22 5.26 -28.24 -20.65
CA SER A 22 6.04 -29.33 -20.03
C SER A 22 6.71 -28.85 -18.76
N LYS A 23 7.25 -27.63 -18.79
CA LYS A 23 7.91 -27.06 -17.62
C LYS A 23 6.92 -26.83 -16.49
N ALA A 24 5.76 -26.27 -16.82
CA ALA A 24 4.72 -26.04 -15.82
C ALA A 24 4.28 -27.35 -15.19
N GLU A 25 4.09 -28.37 -16.02
CA GLU A 25 3.69 -29.69 -15.55
C GLU A 25 4.69 -30.26 -14.55
N LYS A 26 5.98 -30.21 -14.91
CA LYS A 26 7.02 -30.71 -14.03
C LYS A 26 6.97 -30.06 -12.65
N LEU A 27 6.89 -28.73 -12.61
CA LEU A 27 6.95 -28.00 -11.36
C LEU A 27 5.67 -28.14 -10.57
N ILE A 28 4.53 -28.17 -11.24
CA ILE A 28 3.25 -28.34 -10.56
C ILE A 28 3.16 -29.73 -9.92
N LYS A 29 3.70 -30.75 -10.61
CA LYS A 29 3.76 -32.08 -10.02
C LYS A 29 4.59 -32.08 -8.75
N GLU A 30 5.71 -31.32 -8.74
CA GLU A 30 6.52 -31.19 -7.54
C GLU A 30 5.70 -30.53 -6.42
N ALA A 31 4.98 -29.47 -6.77
CA ALA A 31 4.17 -28.74 -5.78
C ALA A 31 3.05 -29.63 -5.20
N SER A 32 2.48 -30.48 -6.07
CA SER A 32 1.43 -31.44 -5.66
C SER A 32 1.99 -32.46 -4.64
N LYS A 33 3.18 -32.98 -4.91
CA LYS A 33 3.82 -33.84 -3.96
C LYS A 33 4.06 -33.21 -2.59
N GLU A 34 4.27 -31.90 -2.53
CA GLU A 34 4.41 -31.20 -1.24
C GLU A 34 3.08 -30.93 -0.58
N GLY A 35 1.99 -31.23 -1.29
CA GLY A 35 0.65 -31.10 -0.72
C GLY A 35 -0.14 -29.84 -1.09
N ALA A 36 0.40 -29.02 -2.02
CA ALA A 36 -0.33 -27.84 -2.45
C ALA A 36 -1.70 -28.18 -3.04
N LYS A 37 -2.72 -27.42 -2.64
CA LYS A 37 -4.05 -27.51 -3.15
C LYS A 37 -4.41 -26.40 -4.11
N LEU A 38 -3.61 -25.33 -4.09
CA LEU A 38 -3.75 -24.17 -4.99
C LEU A 38 -2.31 -23.79 -5.39
N VAL A 39 -2.07 -23.68 -6.69
CA VAL A 39 -0.84 -23.21 -7.23
C VAL A 39 -1.06 -22.12 -8.27
N VAL A 40 -0.12 -21.17 -8.27
CA VAL A 40 -0.18 -20.03 -9.15
C VAL A 40 1.02 -20.05 -10.08
N LEU A 41 0.76 -19.94 -11.37
CA LEU A 41 1.79 -19.83 -12.42
C LEU A 41 1.96 -18.36 -12.77
N PRO A 42 3.09 -17.98 -13.41
CA PRO A 42 3.33 -16.60 -13.79
C PRO A 42 2.39 -16.06 -14.88
N GLU A 43 2.39 -14.74 -15.00
CA GLU A 43 1.79 -14.03 -16.12
C GLU A 43 2.33 -14.59 -17.44
N LEU A 44 1.44 -14.73 -18.41
CA LEU A 44 1.83 -15.17 -19.76
C LEU A 44 2.82 -16.37 -19.74
N PHE A 45 2.53 -17.39 -18.90
CA PHE A 45 3.47 -18.51 -18.75
C PHE A 45 3.58 -19.29 -20.05
N ASP A 46 2.53 -19.26 -20.87
CA ASP A 46 2.44 -20.11 -22.04
C ASP A 46 3.17 -19.48 -23.23
N THR A 47 2.99 -18.18 -23.43
CA THR A 47 3.54 -17.47 -24.60
C THR A 47 4.86 -16.77 -24.39
N GLY A 48 5.20 -16.49 -23.14
CA GLY A 48 6.23 -15.50 -22.88
C GLY A 48 5.64 -14.10 -23.02
N TYR A 49 6.50 -13.09 -22.94
CA TYR A 49 6.10 -11.69 -22.64
C TYR A 49 6.58 -10.70 -23.71
N ASN A 50 7.87 -10.71 -24.04
CA ASN A 50 8.49 -9.55 -24.70
C ASN A 50 8.36 -9.60 -26.22
N PHE A 51 7.12 -9.51 -26.68
CA PHE A 51 6.82 -9.59 -28.11
C PHE A 51 7.40 -8.42 -28.92
N GLU A 52 7.68 -8.68 -30.20
CA GLU A 52 8.14 -7.68 -31.15
C GLU A 52 7.02 -7.14 -32.00
N SER A 53 5.98 -7.94 -32.19
CA SER A 53 4.83 -7.57 -33.02
C SER A 53 3.62 -8.24 -32.45
N ARG A 54 2.46 -7.66 -32.75
CA ARG A 54 1.16 -8.26 -32.36
C ARG A 54 0.98 -9.59 -33.11
N GLU A 55 1.42 -9.67 -34.37
CA GLU A 55 1.26 -10.85 -35.20
C GLU A 55 1.78 -12.11 -34.57
N GLU A 56 2.99 -12.02 -34.01
CA GLU A 56 3.66 -13.24 -33.56
C GLU A 56 2.93 -13.83 -32.34
N VAL A 57 2.33 -12.98 -31.50
CA VAL A 57 1.55 -13.46 -30.36
C VAL A 57 0.14 -13.86 -30.79
N PHE A 58 -0.48 -13.07 -31.67
CA PHE A 58 -1.81 -13.38 -32.16
C PHE A 58 -1.81 -14.79 -32.79
N ASP A 59 -0.72 -15.15 -33.47
CA ASP A 59 -0.66 -16.44 -34.16
C ASP A 59 -0.55 -17.67 -33.29
N VAL A 60 -0.13 -17.52 -32.03
CA VAL A 60 -0.05 -18.64 -31.10
C VAL A 60 -1.08 -18.62 -29.96
N ALA A 61 -1.69 -17.46 -29.69
CA ALA A 61 -2.54 -17.27 -28.51
C ALA A 61 -3.78 -18.13 -28.61
N GLN A 62 -4.22 -18.66 -27.47
CA GLN A 62 -5.31 -19.62 -27.39
C GLN A 62 -6.57 -18.98 -26.81
N GLN A 63 -7.74 -19.47 -27.25
CA GLN A 63 -9.02 -19.09 -26.66
C GLN A 63 -9.19 -19.70 -25.30
N ILE A 64 -9.97 -19.01 -24.46
CA ILE A 64 -10.36 -19.51 -23.17
C ILE A 64 -11.86 -19.67 -23.14
N PRO A 65 -12.42 -20.83 -22.74
CA PRO A 65 -11.67 -21.99 -22.28
C PRO A 65 -11.42 -23.13 -23.28
N GLU A 66 -11.75 -22.95 -24.56
CA GLU A 66 -11.70 -24.06 -25.49
C GLU A 66 -10.28 -24.38 -25.95
N GLY A 67 -9.37 -23.39 -25.87
CA GLY A 67 -8.03 -23.54 -26.42
C GLY A 67 -7.08 -24.40 -25.61
N GLU A 68 -5.87 -24.59 -26.15
CA GLU A 68 -4.91 -25.58 -25.67
C GLU A 68 -4.33 -25.34 -24.28
N THR A 69 -4.18 -24.06 -23.88
CA THR A 69 -3.64 -23.79 -22.60
C THR A 69 -4.61 -24.20 -21.51
N THR A 70 -5.88 -23.77 -21.65
CA THR A 70 -6.89 -24.05 -20.67
C THR A 70 -7.13 -25.57 -20.60
N THR A 71 -7.15 -26.22 -21.75
CA THR A 71 -7.43 -27.66 -21.75
C THR A 71 -6.29 -28.44 -21.10
N PHE A 72 -5.04 -28.03 -21.36
CA PHE A 72 -3.86 -28.55 -20.67
C PHE A 72 -3.96 -28.40 -19.14
N LEU A 73 -4.27 -27.18 -18.68
CA LEU A 73 -4.35 -26.91 -17.26
C LEU A 73 -5.50 -27.71 -16.61
N MET A 74 -6.63 -27.84 -17.29
CA MET A 74 -7.76 -28.63 -16.80
C MET A 74 -7.37 -30.09 -16.54
N GLU A 75 -6.65 -30.68 -17.51
CA GLU A 75 -6.21 -32.08 -17.40
C GLU A 75 -5.30 -32.23 -16.24
N LEU A 76 -4.37 -31.28 -16.08
CA LEU A 76 -3.42 -31.34 -14.99
C LEU A 76 -4.10 -31.13 -13.62
N ALA A 77 -5.02 -30.16 -13.52
CA ALA A 77 -5.72 -29.89 -12.28
C ALA A 77 -6.50 -31.15 -11.80
N ARG A 78 -7.19 -31.78 -12.73
CA ARG A 78 -7.98 -33.02 -12.45
C ARG A 78 -7.05 -34.19 -12.06
N GLU A 79 -5.95 -34.37 -12.78
CA GLU A 79 -4.99 -35.41 -12.48
C GLU A 79 -4.40 -35.30 -11.09
N LEU A 80 -4.12 -34.07 -10.63
CA LEU A 80 -3.45 -33.85 -9.37
C LEU A 80 -4.42 -33.44 -8.24
N GLY A 81 -5.69 -33.24 -8.57
CA GLY A 81 -6.72 -32.90 -7.58
C GLY A 81 -6.45 -31.54 -6.94
N LEU A 82 -6.07 -30.55 -7.75
CA LEU A 82 -5.77 -29.23 -7.20
C LEU A 82 -6.30 -28.12 -8.09
N TYR A 83 -6.20 -26.87 -7.59
CA TYR A 83 -6.67 -25.67 -8.32
C TYR A 83 -5.46 -24.89 -8.83
N ILE A 84 -5.59 -24.37 -10.02
CA ILE A 84 -4.50 -23.63 -10.68
C ILE A 84 -5.02 -22.30 -11.14
N VAL A 85 -4.28 -21.22 -10.85
CA VAL A 85 -4.46 -19.93 -11.47
C VAL A 85 -3.19 -19.68 -12.30
N ALA A 86 -3.36 -19.36 -13.57
CA ALA A 86 -2.23 -19.19 -14.49
C ALA A 86 -2.43 -18.08 -15.50
N GLY A 87 -1.36 -17.33 -15.76
CA GLY A 87 -1.39 -16.25 -16.73
C GLY A 87 -1.27 -16.82 -18.11
N THR A 88 -2.11 -16.34 -19.04
CA THR A 88 -2.06 -16.78 -20.42
C THR A 88 -2.50 -15.71 -21.39
N ALA A 89 -1.96 -15.75 -22.61
CA ALA A 89 -2.44 -14.87 -23.67
C ALA A 89 -3.73 -15.38 -24.21
N GLU A 90 -4.78 -14.54 -24.14
CA GLU A 90 -6.11 -14.96 -24.50
C GLU A 90 -6.44 -14.38 -25.87
N LYS A 91 -6.78 -15.25 -26.82
CA LYS A 91 -7.35 -14.83 -28.09
C LYS A 91 -8.84 -14.84 -27.94
N SER A 92 -9.47 -13.69 -28.20
CA SER A 92 -10.92 -13.59 -28.22
C SER A 92 -11.37 -12.88 -29.51
N GLY A 93 -11.78 -13.66 -30.51
CA GLY A 93 -12.07 -13.15 -31.85
C GLY A 93 -10.84 -12.51 -32.43
N ASN A 94 -10.92 -11.19 -32.68
CA ASN A 94 -9.79 -10.43 -33.23
C ASN A 94 -8.85 -9.78 -32.20
N TYR A 95 -9.19 -9.93 -30.92
CA TYR A 95 -8.54 -9.19 -29.82
C TYR A 95 -7.72 -10.17 -28.98
N LEU A 96 -6.69 -9.64 -28.34
CA LEU A 96 -5.87 -10.36 -27.42
C LEU A 96 -6.04 -9.70 -26.06
N TYR A 97 -6.16 -10.52 -25.04
CA TYR A 97 -6.17 -10.07 -23.63
C TYR A 97 -5.00 -10.75 -22.88
N ASN A 98 -4.52 -10.04 -21.88
CA ASN A 98 -3.46 -10.53 -20.99
C ASN A 98 -4.28 -11.10 -19.82
N SER A 99 -4.49 -12.40 -19.83
CA SER A 99 -5.48 -13.01 -18.94
C SER A 99 -4.89 -13.99 -17.90
N ALA A 100 -5.75 -14.42 -16.98
CA ALA A 100 -5.46 -15.49 -16.07
C ALA A 100 -6.67 -16.40 -16.04
N VAL A 101 -6.39 -17.69 -16.14
CA VAL A 101 -7.41 -18.72 -16.02
C VAL A 101 -7.36 -19.41 -14.69
N VAL A 102 -8.54 -19.78 -14.19
CA VAL A 102 -8.72 -20.51 -12.95
C VAL A 102 -9.39 -21.84 -13.32
N VAL A 103 -8.70 -22.92 -12.96
CA VAL A 103 -9.16 -24.30 -13.21
C VAL A 103 -9.09 -25.10 -11.93
N GLY A 104 -9.85 -26.21 -11.90
CA GLY A 104 -9.88 -27.04 -10.72
C GLY A 104 -10.23 -28.44 -11.18
N PRO A 105 -10.43 -29.37 -10.24
CA PRO A 105 -10.86 -30.74 -10.57
C PRO A 105 -12.11 -30.80 -11.46
N ARG A 106 -13.05 -29.88 -11.30
CA ARG A 106 -14.32 -29.89 -12.08
C ARG A 106 -14.12 -29.33 -13.48
N GLY A 107 -12.98 -28.70 -13.74
CA GLY A 107 -12.71 -28.11 -15.01
C GLY A 107 -12.47 -26.60 -14.91
N TYR A 108 -12.98 -25.89 -15.91
CA TYR A 108 -12.82 -24.43 -16.07
C TYR A 108 -13.68 -23.73 -15.03
N ILE A 109 -13.06 -22.85 -14.24
CA ILE A 109 -13.78 -22.13 -13.23
C ILE A 109 -14.08 -20.69 -13.68
N GLY A 110 -13.10 -20.00 -14.25
CA GLY A 110 -13.35 -18.68 -14.79
C GLY A 110 -12.07 -17.99 -15.19
N LYS A 111 -12.17 -16.70 -15.52
CA LYS A 111 -10.99 -16.01 -15.99
C LYS A 111 -11.03 -14.57 -15.53
N TYR A 112 -9.87 -13.92 -15.63
CA TYR A 112 -9.63 -12.51 -15.26
C TYR A 112 -8.82 -11.90 -16.39
N ARG A 113 -9.11 -10.67 -16.80
CA ARG A 113 -8.36 -9.98 -17.89
C ARG A 113 -7.71 -8.75 -17.28
N LYS A 114 -6.39 -8.63 -17.43
CA LYS A 114 -5.60 -7.59 -16.78
C LYS A 114 -6.17 -6.22 -17.04
N ILE A 115 -6.52 -5.54 -15.96
CA ILE A 115 -7.20 -4.25 -15.99
C ILE A 115 -6.21 -3.09 -16.27
N HIS A 116 -5.01 -3.16 -15.70
CA HIS A 116 -4.00 -2.09 -15.80
C HIS A 116 -2.80 -2.59 -16.64
N LEU A 117 -2.78 -2.31 -17.95
CA LEU A 117 -1.74 -2.77 -18.81
C LEU A 117 -0.44 -1.99 -18.57
N PHE A 118 0.69 -2.70 -18.68
CA PHE A 118 1.98 -2.15 -18.38
C PHE A 118 2.79 -1.97 -19.68
N TYR A 119 3.32 -0.79 -19.85
CA TYR A 119 4.32 -0.42 -20.88
C TYR A 119 3.85 -0.92 -22.24
N ARG A 120 4.63 -1.76 -22.94
CA ARG A 120 4.33 -2.13 -24.35
C ARG A 120 3.15 -3.10 -24.44
N GLU A 121 2.60 -3.60 -23.33
CA GLU A 121 1.40 -4.42 -23.40
C GLU A 121 0.29 -3.72 -24.16
N LYS A 122 0.18 -2.39 -24.01
CA LYS A 122 -0.83 -1.58 -24.68
C LYS A 122 -0.76 -1.66 -26.24
N VAL A 123 0.39 -2.07 -26.75
CA VAL A 123 0.59 -2.27 -28.19
C VAL A 123 -0.04 -3.60 -28.63
N PHE A 124 -0.11 -4.58 -27.72
CA PHE A 124 -0.53 -5.93 -28.13
C PHE A 124 -1.93 -6.29 -27.64
N PHE A 125 -2.23 -5.87 -26.41
CA PHE A 125 -3.38 -6.35 -25.71
C PHE A 125 -4.43 -5.27 -25.55
N GLU A 126 -5.69 -5.71 -25.52
CA GLU A 126 -6.80 -4.89 -25.10
C GLU A 126 -6.85 -4.84 -23.58
N PRO A 127 -7.21 -3.68 -23.00
CA PRO A 127 -7.36 -3.57 -21.55
C PRO A 127 -8.50 -4.46 -21.08
N GLY A 128 -8.33 -5.06 -19.91
CA GLY A 128 -9.32 -5.96 -19.40
C GLY A 128 -10.64 -5.29 -19.12
N ASP A 129 -11.70 -6.10 -19.25
CA ASP A 129 -13.05 -5.60 -19.22
C ASP A 129 -14.03 -6.42 -18.38
N LEU A 130 -13.53 -7.32 -17.53
CA LEU A 130 -14.42 -8.14 -16.72
C LEU A 130 -14.47 -7.71 -15.29
N GLY A 131 -13.66 -6.72 -14.94
CA GLY A 131 -13.52 -6.33 -13.57
C GLY A 131 -12.64 -7.29 -12.76
N PHE A 132 -12.61 -7.05 -11.45
CA PHE A 132 -11.90 -7.84 -10.48
C PHE A 132 -12.85 -8.86 -9.91
N LYS A 133 -12.53 -10.14 -10.11
CA LYS A 133 -13.37 -11.28 -9.76
C LYS A 133 -12.77 -12.11 -8.65
N VAL A 134 -13.66 -12.68 -7.82
CA VAL A 134 -13.31 -13.62 -6.78
C VAL A 134 -13.98 -14.96 -7.12
N PHE A 135 -13.20 -16.04 -7.10
CA PHE A 135 -13.63 -17.39 -7.43
C PHE A 135 -13.72 -18.28 -6.20
N ASP A 136 -14.77 -19.10 -6.15
CA ASP A 136 -14.96 -20.01 -5.03
C ASP A 136 -14.30 -21.34 -5.37
N ILE A 137 -13.26 -21.72 -4.62
CA ILE A 137 -12.62 -23.01 -4.84
C ILE A 137 -12.85 -23.97 -3.64
N GLY A 138 -14.00 -23.79 -2.96
CA GLY A 138 -14.45 -24.72 -1.93
C GLY A 138 -13.83 -24.41 -0.60
N PHE A 139 -12.51 -24.55 -0.48
CA PHE A 139 -11.89 -24.30 0.82
C PHE A 139 -11.60 -22.80 1.05
N ALA A 140 -11.74 -22.01 0.00
CA ALA A 140 -11.39 -20.61 0.01
C ALA A 140 -11.99 -19.84 -1.16
N LYS A 141 -12.08 -18.51 -0.99
CA LYS A 141 -12.42 -17.57 -2.06
C LYS A 141 -11.11 -16.94 -2.49
N VAL A 142 -10.83 -17.01 -3.78
CA VAL A 142 -9.56 -16.56 -4.33
C VAL A 142 -9.79 -15.46 -5.31
N GLY A 143 -9.16 -14.28 -5.06
CA GLY A 143 -9.21 -13.19 -6.01
C GLY A 143 -7.99 -13.30 -6.92
N VAL A 144 -8.10 -12.77 -8.14
CA VAL A 144 -6.98 -12.79 -9.06
C VAL A 144 -6.69 -11.36 -9.55
N MET A 145 -5.40 -11.02 -9.58
CA MET A 145 -4.89 -9.85 -10.30
C MET A 145 -3.58 -10.21 -10.94
N ILE A 146 -3.14 -9.43 -11.93
CA ILE A 146 -2.00 -9.78 -12.74
C ILE A 146 -1.00 -8.64 -12.70
N ALA A 147 0.25 -8.99 -12.36
CA ALA A 147 1.41 -8.16 -12.46
C ALA A 147 1.14 -6.73 -12.02
N PHE A 148 1.27 -5.74 -12.92
CA PHE A 148 1.15 -4.29 -12.63
C PHE A 148 -0.14 -3.85 -11.87
N ASP A 149 -1.17 -4.68 -11.87
CA ASP A 149 -2.33 -4.45 -11.03
C ASP A 149 -1.93 -4.20 -9.55
N TRP A 150 -0.78 -4.74 -9.12
CA TRP A 150 -0.31 -4.56 -7.74
C TRP A 150 -0.07 -3.09 -7.39
N PHE A 151 0.28 -2.29 -8.41
CA PHE A 151 0.65 -0.91 -8.22
C PHE A 151 -0.50 -0.07 -7.76
N PHE A 152 -1.71 -0.47 -8.14
CA PHE A 152 -2.92 0.24 -7.81
C PHE A 152 -3.52 -0.41 -6.57
N PRO A 153 -3.50 0.27 -5.40
CA PRO A 153 -4.03 -0.36 -4.18
C PRO A 153 -5.52 -0.73 -4.32
N GLU A 154 -6.24 -0.12 -5.28
CA GLU A 154 -7.62 -0.45 -5.54
C GLU A 154 -7.83 -1.88 -6.03
N SER A 155 -6.81 -2.44 -6.70
CA SER A 155 -6.92 -3.82 -7.22
C SER A 155 -7.19 -4.84 -6.08
N ALA A 156 -6.23 -4.95 -5.15
CA ALA A 156 -6.34 -5.86 -4.05
C ALA A 156 -7.48 -5.49 -3.15
N ARG A 157 -7.69 -4.17 -2.95
CA ARG A 157 -8.80 -3.70 -2.09
C ARG A 157 -10.14 -4.18 -2.63
N THR A 158 -10.37 -4.06 -3.94
CA THR A 158 -11.63 -4.47 -4.50
C THR A 158 -11.85 -5.98 -4.35
N LEU A 159 -10.79 -6.77 -4.56
CA LEU A 159 -10.82 -8.24 -4.39
C LEU A 159 -11.16 -8.60 -2.95
N ALA A 160 -10.47 -7.96 -2.01
CA ALA A 160 -10.67 -8.24 -0.57
C ALA A 160 -12.09 -7.84 -0.13
N LEU A 161 -12.57 -6.72 -0.62
CA LEU A 161 -13.94 -6.27 -0.29
C LEU A 161 -15.01 -7.22 -0.88
N LYS A 162 -14.70 -7.88 -2.00
CA LYS A 162 -15.54 -8.94 -2.55
C LYS A 162 -15.38 -10.28 -1.91
N GLY A 163 -14.59 -10.37 -0.84
CA GLY A 163 -14.48 -11.57 -0.05
C GLY A 163 -13.27 -12.48 -0.32
N ALA A 164 -12.31 -12.04 -1.15
CA ALA A 164 -11.06 -12.78 -1.35
C ALA A 164 -10.34 -12.98 -0.03
N GLU A 165 -9.92 -14.23 0.21
CA GLU A 165 -9.10 -14.59 1.37
C GLU A 165 -7.67 -14.79 0.92
N ILE A 166 -7.52 -15.16 -0.35
CA ILE A 166 -6.21 -15.30 -0.99
C ILE A 166 -6.28 -14.52 -2.29
N ILE A 167 -5.23 -13.73 -2.55
CA ILE A 167 -5.05 -13.09 -3.85
C ILE A 167 -3.96 -13.85 -4.62
N ALA A 168 -4.37 -14.51 -5.69
CA ALA A 168 -3.45 -15.14 -6.61
C ALA A 168 -3.01 -14.08 -7.62
N HIS A 169 -1.69 -13.96 -7.79
CA HIS A 169 -1.06 -12.87 -8.51
C HIS A 169 0.00 -13.36 -9.50
N PRO A 170 -0.41 -13.90 -10.67
CA PRO A 170 0.52 -14.18 -11.75
C PRO A 170 1.26 -12.89 -12.09
N ALA A 171 2.57 -12.94 -12.28
CA ALA A 171 3.30 -11.71 -12.59
C ALA A 171 4.53 -11.98 -13.47
N ASN A 172 4.95 -10.96 -14.23
CA ASN A 172 6.26 -10.91 -14.93
C ASN A 172 6.84 -9.55 -14.52
N LEU A 173 7.46 -9.51 -13.34
CA LEU A 173 7.93 -8.27 -12.74
C LEU A 173 9.29 -7.83 -13.32
N VAL A 174 9.38 -6.52 -13.55
CA VAL A 174 10.60 -5.91 -14.05
C VAL A 174 11.09 -4.80 -13.17
N MET A 175 10.20 -4.15 -12.41
CA MET A 175 10.61 -3.09 -11.48
C MET A 175 11.03 -3.76 -10.17
N PRO A 176 11.81 -3.09 -9.33
CA PRO A 176 12.30 -3.70 -8.09
C PRO A 176 11.28 -3.70 -6.93
N TYR A 177 10.10 -3.10 -7.10
CA TYR A 177 9.24 -2.68 -5.96
C TYR A 177 8.29 -3.77 -5.44
N ALA A 178 7.81 -4.68 -6.29
CA ALA A 178 6.67 -5.51 -5.88
C ALA A 178 6.95 -6.36 -4.64
N PRO A 179 8.16 -6.93 -4.50
CA PRO A 179 8.49 -7.70 -3.31
C PRO A 179 8.38 -6.88 -2.01
N ARG A 180 8.63 -5.58 -2.05
CA ARG A 180 8.43 -4.70 -0.86
C ARG A 180 6.94 -4.36 -0.71
N ALA A 181 6.21 -4.20 -1.82
CA ALA A 181 4.81 -3.78 -1.76
C ALA A 181 3.81 -4.89 -1.39
N MET A 182 4.05 -6.11 -1.86
CA MET A 182 3.05 -7.16 -1.74
C MET A 182 2.72 -7.46 -0.28
N PRO A 183 3.71 -7.48 0.66
CA PRO A 183 3.36 -7.70 2.07
C PRO A 183 2.46 -6.59 2.65
N ILE A 184 2.56 -5.37 2.13
CA ILE A 184 1.69 -4.26 2.52
C ILE A 184 0.28 -4.44 1.95
N ARG A 185 0.16 -4.94 0.71
CA ARG A 185 -1.14 -5.32 0.10
C ARG A 185 -1.80 -6.41 0.97
N ALA A 186 -1.01 -7.37 1.45
CA ALA A 186 -1.55 -8.47 2.27
C ALA A 186 -2.02 -7.89 3.63
N LEU A 187 -1.16 -7.10 4.26
CA LEU A 187 -1.43 -6.49 5.55
C LEU A 187 -2.69 -5.62 5.55
N GLU A 188 -2.79 -4.70 4.58
CA GLU A 188 -3.85 -3.66 4.59
C GLU A 188 -5.24 -4.26 4.36
N ASN A 189 -5.28 -5.41 3.67
CA ASN A 189 -6.49 -6.13 3.38
C ASN A 189 -6.75 -7.35 4.27
N ARG A 190 -5.77 -7.69 5.07
CA ARG A 190 -5.69 -8.90 5.89
C ARG A 190 -5.98 -10.12 5.02
N VAL A 191 -5.20 -10.27 3.96
CA VAL A 191 -5.32 -11.44 3.11
C VAL A 191 -3.98 -12.06 2.91
N TYR A 192 -3.96 -13.28 2.38
CA TYR A 192 -2.73 -13.93 1.88
C TYR A 192 -2.53 -13.52 0.42
N THR A 193 -1.30 -13.30 0.00
CA THR A 193 -1.00 -13.01 -1.41
C THR A 193 0.02 -14.01 -1.90
N ILE A 194 -0.17 -14.50 -3.15
CA ILE A 194 0.73 -15.45 -3.78
C ILE A 194 1.12 -14.82 -5.12
N THR A 195 2.33 -14.24 -5.18
CA THR A 195 2.86 -13.63 -6.37
C THR A 195 3.76 -14.66 -7.04
N ALA A 196 3.37 -15.11 -8.22
CA ALA A 196 4.18 -16.04 -8.97
C ALA A 196 4.85 -15.32 -10.13
N ASP A 197 6.14 -15.08 -9.98
CA ASP A 197 6.92 -14.34 -10.95
C ASP A 197 7.64 -15.31 -11.83
N ARG A 198 7.99 -14.87 -13.02
CA ARG A 198 8.97 -15.60 -13.86
C ARG A 198 10.40 -15.11 -13.55
N VAL A 199 11.36 -15.81 -14.15
CA VAL A 199 12.76 -15.47 -14.14
C VAL A 199 13.24 -15.33 -15.60
N GLY A 200 14.51 -14.89 -15.71
CA GLY A 200 15.25 -14.92 -16.95
C GLY A 200 15.31 -13.58 -17.64
N GLU A 201 15.98 -13.61 -18.79
CA GLU A 201 16.11 -12.46 -19.64
C GLU A 201 15.47 -12.87 -20.96
N GLU A 202 14.65 -11.98 -21.53
CA GLU A 202 13.90 -12.30 -22.74
C GLU A 202 13.97 -11.12 -23.68
N ARG A 203 14.71 -11.30 -24.76
CA ARG A 203 14.92 -10.26 -25.80
C ARG A 203 15.32 -8.96 -25.11
N GLY A 204 16.31 -9.05 -24.19
CA GLY A 204 16.86 -7.89 -23.57
C GLY A 204 16.20 -7.42 -22.30
N LEU A 205 15.05 -8.01 -21.93
CA LEU A 205 14.31 -7.58 -20.74
C LEU A 205 14.54 -8.59 -19.61
N LYS A 206 14.98 -8.10 -18.46
CA LYS A 206 15.27 -8.94 -17.29
C LYS A 206 14.12 -8.93 -16.29
N PHE A 207 13.63 -10.12 -15.94
CA PHE A 207 12.63 -10.25 -14.90
C PHE A 207 13.31 -10.50 -13.54
N ILE A 208 12.64 -10.14 -12.45
CA ILE A 208 13.33 -10.12 -11.17
C ILE A 208 13.21 -11.35 -10.28
N GLY A 209 12.43 -12.35 -10.69
CA GLY A 209 12.16 -13.50 -9.81
C GLY A 209 11.47 -13.02 -8.56
N LYS A 210 11.95 -13.49 -7.40
CA LYS A 210 11.41 -13.10 -6.11
C LYS A 210 9.87 -13.31 -5.94
N SER A 211 9.37 -14.42 -6.47
CA SER A 211 8.01 -14.86 -6.17
C SER A 211 7.90 -14.89 -4.66
N LEU A 212 6.71 -14.58 -4.15
CA LEU A 212 6.54 -14.57 -2.70
C LEU A 212 5.13 -14.76 -2.25
N ILE A 213 5.04 -15.28 -1.03
CA ILE A 213 3.79 -15.49 -0.36
C ILE A 213 3.83 -14.66 0.89
N ALA A 214 2.84 -13.78 1.03
CA ALA A 214 2.75 -12.90 2.18
C ALA A 214 1.46 -13.13 2.98
N SER A 215 1.58 -12.97 4.30
CA SER A 215 0.49 -13.17 5.22
C SER A 215 -0.25 -11.89 5.57
N PRO A 216 -1.46 -12.02 6.15
CA PRO A 216 -2.20 -10.87 6.68
C PRO A 216 -1.44 -10.02 7.71
N LYS A 217 -0.33 -10.53 8.23
CA LYS A 217 0.52 -9.76 9.12
C LYS A 217 1.79 -9.21 8.49
N ALA A 218 1.79 -9.13 7.16
CA ALA A 218 2.92 -8.68 6.38
C ALA A 218 4.18 -9.58 6.50
N GLU A 219 4.00 -10.86 6.84
CA GLU A 219 5.15 -11.77 6.95
C GLU A 219 5.39 -12.36 5.58
N VAL A 220 6.65 -12.36 5.17
CA VAL A 220 7.07 -13.08 3.96
C VAL A 220 7.24 -14.53 4.37
N LEU A 221 6.26 -15.37 4.02
CA LEU A 221 6.30 -16.77 4.39
C LEU A 221 7.22 -17.59 3.47
N SER A 222 7.41 -17.13 2.23
CA SER A 222 8.31 -17.77 1.29
C SER A 222 8.67 -16.73 0.25
N ILE A 223 9.95 -16.70 -0.13
CA ILE A 223 10.41 -15.83 -1.19
C ILE A 223 11.43 -16.58 -2.02
N ALA A 224 11.30 -16.47 -3.33
CA ALA A 224 12.15 -17.24 -4.24
C ALA A 224 13.43 -16.46 -4.62
N SER A 225 14.34 -17.18 -5.26
CA SER A 225 15.52 -16.58 -5.87
C SER A 225 15.20 -15.61 -6.98
N GLU A 226 16.20 -14.82 -7.33
CA GLU A 226 16.12 -13.87 -8.43
C GLU A 226 16.20 -14.55 -9.75
N THR A 227 16.92 -15.67 -9.83
CA THR A 227 17.26 -16.29 -11.14
C THR A 227 16.76 -17.67 -11.41
N GLU A 228 16.47 -18.46 -10.38
CA GLU A 228 16.23 -19.89 -10.54
C GLU A 228 14.74 -20.26 -10.65
N GLU A 229 14.44 -21.29 -11.42
CA GLU A 229 13.10 -21.85 -11.45
C GLU A 229 12.91 -22.63 -10.16
N GLU A 230 11.76 -22.45 -9.51
CA GLU A 230 11.53 -23.10 -8.23
C GLU A 230 10.09 -22.99 -7.81
N ILE A 231 9.70 -23.81 -6.82
CA ILE A 231 8.37 -23.75 -6.26
C ILE A 231 8.52 -23.24 -4.85
N GLY A 232 7.42 -22.74 -4.29
CA GLY A 232 7.34 -22.42 -2.90
C GLY A 232 5.94 -22.78 -2.47
N VAL A 233 5.85 -23.63 -1.43
CA VAL A 233 4.60 -24.08 -0.89
C VAL A 233 4.62 -23.84 0.60
N VAL A 234 3.53 -23.25 1.10
N VAL A 234 3.55 -23.23 1.11
CA VAL A 234 3.41 -22.92 2.52
CA VAL A 234 3.44 -23.02 2.54
C VAL A 234 2.02 -23.28 2.99
C VAL A 234 2.02 -23.30 2.99
N GLU A 235 1.88 -23.64 4.27
CA GLU A 235 0.61 -23.83 4.88
C GLU A 235 0.12 -22.47 5.43
N ILE A 236 -1.08 -22.05 5.02
CA ILE A 236 -1.65 -20.81 5.48
C ILE A 236 -2.90 -21.12 6.30
N ASP A 237 -3.24 -20.17 7.19
CA ASP A 237 -4.40 -20.29 8.09
C ASP A 237 -5.44 -19.34 7.62
N LEU A 238 -6.48 -19.89 6.97
CA LEU A 238 -7.49 -19.06 6.38
C LEU A 238 -8.29 -18.24 7.38
N ASN A 239 -8.36 -18.69 8.65
CA ASN A 239 -9.02 -17.86 9.67
C ASN A 239 -8.35 -16.54 9.97
N LEU A 240 -7.03 -16.44 9.72
CA LEU A 240 -6.32 -15.21 9.90
C LEU A 240 -6.74 -14.18 8.83
N ALA A 241 -7.19 -14.66 7.67
CA ALA A 241 -7.64 -13.79 6.61
C ALA A 241 -9.12 -13.44 6.77
N ARG A 242 -9.92 -14.37 7.34
CA ARG A 242 -11.38 -14.14 7.52
C ARG A 242 -11.64 -13.21 8.72
N ASN A 243 -10.75 -13.21 9.70
CA ASN A 243 -10.83 -12.35 10.84
C ASN A 243 -10.11 -11.02 10.56
N LYS A 244 -10.91 -9.96 10.40
CA LYS A 244 -10.39 -8.64 10.04
C LYS A 244 -10.02 -7.78 11.20
N ARG A 245 -10.04 -8.36 12.42
CA ARG A 245 -9.69 -7.62 13.64
C ARG A 245 -8.17 -7.58 13.76
N LEU A 246 -7.59 -6.37 13.66
CA LEU A 246 -6.19 -6.13 13.77
C LEU A 246 -5.81 -6.20 15.23
N ASN A 247 -6.72 -5.72 16.07
CA ASN A 247 -6.63 -5.86 17.49
C ASN A 247 -8.06 -5.88 18.00
N ASP A 248 -8.20 -5.97 19.31
CA ASP A 248 -9.49 -6.05 19.96
C ASP A 248 -10.48 -4.93 19.64
N MET A 249 -9.96 -3.74 19.30
CA MET A 249 -10.81 -2.59 19.05
C MET A 249 -10.98 -2.14 17.59
N ASN A 250 -10.16 -2.67 16.68
CA ASN A 250 -10.14 -2.22 15.27
C ASN A 250 -10.32 -3.41 14.33
N ASP A 251 -11.48 -3.46 13.69
CA ASP A 251 -11.74 -4.37 12.58
C ASP A 251 -11.58 -3.53 11.33
N ILE A 252 -10.66 -3.97 10.47
CA ILE A 252 -10.19 -3.09 9.43
C ILE A 252 -11.25 -2.76 8.43
N PHE A 253 -12.12 -3.70 8.09
CA PHE A 253 -13.18 -3.41 7.15
C PHE A 253 -14.37 -2.61 7.76
N LYS A 254 -14.73 -2.89 9.01
CA LYS A 254 -15.72 -2.10 9.72
C LYS A 254 -15.23 -0.66 9.98
N ASP A 255 -13.93 -0.47 10.05
CA ASP A 255 -13.32 0.85 10.28
C ASP A 255 -13.21 1.73 9.06
N ARG A 256 -13.41 1.20 7.87
CA ARG A 256 -13.41 1.99 6.63
C ARG A 256 -14.55 3.00 6.68
N ARG A 257 -14.30 4.21 6.19
CA ARG A 257 -15.25 5.34 6.19
C ARG A 257 -15.36 5.87 4.75
N GLU A 258 -16.09 5.12 3.93
CA GLU A 258 -16.20 5.38 2.50
C GLU A 258 -16.68 6.76 2.15
N GLU A 259 -17.49 7.36 3.02
CA GLU A 259 -18.02 8.70 2.75
C GLU A 259 -16.91 9.76 2.62
N TYR A 260 -15.70 9.46 3.09
CA TYR A 260 -14.56 10.42 3.04
C TYR A 260 -13.53 10.01 1.97
N TYR A 261 -13.72 8.91 1.25
CA TYR A 261 -12.74 8.44 0.24
C TYR A 261 -13.09 8.99 -1.14
N PHE A 262 -12.10 9.36 -1.94
CA PHE A 262 -12.29 9.82 -3.34
C PHE A 262 -13.23 11.04 -3.54
N ARG A 263 -13.39 11.86 -2.50
CA ARG A 263 -14.42 12.94 -2.40
C ARG A 263 -13.76 14.24 -1.94
N HIS B 1 9.71 24.28 -7.12
CA HIS B 1 10.42 23.09 -7.70
C HIS B 1 11.27 22.37 -6.58
N MET B 2 12.41 22.92 -6.16
CA MET B 2 13.23 22.28 -5.10
C MET B 2 12.92 22.92 -3.76
N VAL B 3 12.64 22.13 -2.73
CA VAL B 3 12.35 22.72 -1.43
C VAL B 3 12.83 21.81 -0.30
N LYS B 4 13.24 22.39 0.84
CA LYS B 4 13.65 21.59 1.96
C LYS B 4 12.46 21.41 2.94
N VAL B 5 12.23 20.15 3.33
CA VAL B 5 11.14 19.79 4.26
C VAL B 5 11.70 18.90 5.35
N GLY B 6 10.97 18.81 6.47
CA GLY B 6 11.51 18.01 7.56
C GLY B 6 10.48 17.46 8.52
N TYR B 7 10.90 16.45 9.29
CA TYR B 7 10.15 15.91 10.46
C TYR B 7 10.87 16.35 11.73
N ILE B 8 10.12 16.45 12.82
CA ILE B 8 10.65 16.68 14.12
C ILE B 8 10.21 15.45 14.93
N GLN B 9 11.18 14.65 15.38
CA GLN B 9 10.93 13.47 16.15
C GLN B 9 11.20 13.88 17.60
N MET B 10 10.16 13.91 18.40
CA MET B 10 10.27 14.35 19.77
C MET B 10 9.61 13.38 20.72
N GLU B 11 9.84 13.58 22.01
CA GLU B 11 9.23 12.79 23.06
C GLU B 11 8.33 13.69 23.89
N PRO B 12 7.02 13.75 23.57
CA PRO B 12 6.09 14.48 24.42
C PRO B 12 6.03 13.87 25.84
N LYS B 13 5.95 14.74 26.84
CA LYS B 13 5.66 14.33 28.22
C LYS B 13 4.17 14.53 28.45
N ILE B 14 3.52 13.45 28.90
CA ILE B 14 2.07 13.43 28.97
C ILE B 14 1.57 14.55 29.88
N LEU B 15 0.58 15.30 29.38
CA LEU B 15 -0.09 16.43 30.06
C LEU B 15 0.74 17.67 30.32
N GLU B 16 1.99 17.72 29.87
CA GLU B 16 2.87 18.86 30.21
C GLU B 16 3.04 19.74 28.97
N LEU B 17 1.98 20.48 28.67
CA LEU B 17 1.87 21.24 27.44
C LEU B 17 3.06 22.17 27.24
N ASP B 18 3.38 22.95 28.29
N ASP B 18 3.40 22.94 28.29
CA ASP B 18 4.44 23.97 28.21
CA ASP B 18 4.45 23.96 28.21
C ASP B 18 5.81 23.35 27.93
C ASP B 18 5.83 23.36 27.93
N LYS B 19 6.13 22.25 28.60
CA LYS B 19 7.36 21.53 28.34
C LYS B 19 7.43 21.04 26.88
N ASN B 20 6.29 20.60 26.34
CA ASN B 20 6.26 20.06 24.97
C ASN B 20 6.40 21.16 23.96
N TYR B 21 5.78 22.32 24.23
CA TYR B 21 5.99 23.56 23.43
C TYR B 21 7.49 23.87 23.38
N SER B 22 8.17 23.84 24.54
CA SER B 22 9.58 24.25 24.60
C SER B 22 10.43 23.33 23.80
N LYS B 23 10.14 22.03 23.89
CA LYS B 23 10.88 21.04 23.14
C LYS B 23 10.66 21.22 21.62
N ALA B 24 9.41 21.41 21.23
CA ALA B 24 9.11 21.62 19.81
C ALA B 24 9.83 22.85 19.27
N GLU B 25 9.84 23.92 20.07
CA GLU B 25 10.45 25.15 19.67
C GLU B 25 11.96 24.94 19.43
N LYS B 26 12.63 24.28 20.39
CA LYS B 26 14.03 24.02 20.27
C LYS B 26 14.40 23.28 18.96
N LEU B 27 13.67 22.20 18.68
CA LEU B 27 13.96 21.38 17.56
C LEU B 27 13.58 22.05 16.23
N ILE B 28 12.47 22.79 16.23
CA ILE B 28 12.05 23.49 15.01
C ILE B 28 13.03 24.62 14.66
N LYS B 29 13.58 25.28 15.69
CA LYS B 29 14.67 26.26 15.45
C LYS B 29 15.86 25.63 14.74
N GLU B 30 16.22 24.40 15.16
CA GLU B 30 17.31 23.63 14.51
C GLU B 30 16.93 23.32 13.08
N ALA B 31 15.68 22.91 12.85
CA ALA B 31 15.20 22.57 11.48
C ALA B 31 15.20 23.77 10.55
N SER B 32 14.85 24.94 11.09
CA SER B 32 14.90 26.19 10.33
C SER B 32 16.34 26.53 9.87
N LYS B 33 17.32 26.37 10.76
CA LYS B 33 18.71 26.57 10.39
C LYS B 33 19.20 25.64 9.28
N GLU B 34 18.63 24.44 9.19
CA GLU B 34 18.94 23.52 8.11
C GLU B 34 18.23 23.85 6.83
N GLY B 35 17.34 24.85 6.89
CA GLY B 35 16.66 25.34 5.70
C GLY B 35 15.25 24.85 5.46
N ALA B 36 14.66 24.17 6.44
CA ALA B 36 13.34 23.58 6.22
C ALA B 36 12.31 24.73 6.09
N LYS B 37 11.45 24.61 5.10
CA LYS B 37 10.36 25.53 4.88
C LYS B 37 9.03 24.96 5.35
N LEU B 38 8.98 23.63 5.51
CA LEU B 38 7.80 22.90 6.07
C LEU B 38 8.39 21.91 7.07
N VAL B 39 7.84 21.89 8.28
CA VAL B 39 8.19 20.91 9.29
C VAL B 39 6.91 20.23 9.83
N VAL B 40 7.03 18.93 10.10
CA VAL B 40 5.92 18.15 10.65
C VAL B 40 6.29 17.69 12.07
N LEU B 41 5.40 17.94 13.02
CA LEU B 41 5.55 17.47 14.41
C LEU B 41 4.66 16.24 14.58
N PRO B 42 4.89 15.41 15.61
CA PRO B 42 4.11 14.18 15.83
C PRO B 42 2.64 14.40 16.16
N GLU B 43 1.87 13.32 16.06
CA GLU B 43 0.54 13.25 16.62
C GLU B 43 0.54 13.60 18.10
N LEU B 44 -0.48 14.38 18.50
CA LEU B 44 -0.66 14.77 19.92
C LEU B 44 0.67 15.18 20.58
N PHE B 45 1.43 16.04 19.90
CA PHE B 45 2.75 16.42 20.40
C PHE B 45 2.58 17.24 21.71
N ASP B 46 1.42 17.91 21.86
CA ASP B 46 1.21 18.85 22.95
C ASP B 46 0.77 18.12 24.24
N THR B 47 -0.15 17.17 24.09
CA THR B 47 -0.75 16.46 25.25
C THR B 47 -0.11 15.16 25.62
N GLY B 48 0.57 14.52 24.66
CA GLY B 48 0.92 13.12 24.80
C GLY B 48 -0.28 12.28 24.44
N TYR B 49 -0.16 10.96 24.61
CA TYR B 49 -1.04 9.96 23.96
C TYR B 49 -1.80 9.05 24.95
N ASN B 50 -1.09 8.42 25.89
CA ASN B 50 -1.64 7.24 26.55
C ASN B 50 -2.50 7.59 27.75
N PHE B 51 -3.61 8.27 27.51
CA PHE B 51 -4.48 8.76 28.60
C PHE B 51 -5.17 7.61 29.35
N GLU B 52 -5.45 7.84 30.62
CA GLU B 52 -6.15 6.91 31.49
C GLU B 52 -7.64 7.13 31.51
N SER B 53 -8.09 8.35 31.22
CA SER B 53 -9.52 8.66 31.11
C SER B 53 -9.72 9.80 30.14
N ARG B 54 -10.96 9.98 29.67
CA ARG B 54 -11.33 11.12 28.80
C ARG B 54 -11.17 12.42 29.58
N GLU B 55 -11.49 12.45 30.87
CA GLU B 55 -11.41 13.67 31.68
CA GLU B 55 -11.46 13.71 31.59
C GLU B 55 -10.02 14.29 31.67
N GLU B 56 -9.00 13.43 31.79
CA GLU B 56 -7.60 13.81 31.85
C GLU B 56 -7.18 14.63 30.60
N VAL B 57 -7.62 14.17 29.43
CA VAL B 57 -7.29 14.86 28.18
C VAL B 57 -8.25 16.04 27.92
N PHE B 58 -9.53 15.88 28.25
CA PHE B 58 -10.48 16.95 28.05
C PHE B 58 -10.00 18.20 28.82
N ASP B 59 -9.43 17.98 30.00
CA ASP B 59 -9.02 19.10 30.84
C ASP B 59 -7.84 19.93 30.34
N VAL B 60 -7.01 19.37 29.45
CA VAL B 60 -5.89 20.13 28.88
C VAL B 60 -6.02 20.49 27.40
N ALA B 61 -6.93 19.82 26.69
CA ALA B 61 -7.07 20.01 25.26
C ALA B 61 -7.46 21.44 24.90
N GLN B 62 -6.89 21.96 23.80
CA GLN B 62 -7.06 23.35 23.38
C GLN B 62 -7.97 23.44 22.17
N GLN B 63 -8.72 24.56 22.07
CA GLN B 63 -9.46 24.88 20.85
C GLN B 63 -8.53 25.29 19.74
N ILE B 64 -8.99 25.07 18.51
CA ILE B 64 -8.31 25.49 17.32
C ILE B 64 -9.22 26.46 16.58
N PRO B 65 -8.74 27.66 16.18
CA PRO B 65 -7.37 28.12 16.40
C PRO B 65 -7.09 29.06 17.57
N GLU B 66 -8.07 29.29 18.46
CA GLU B 66 -7.91 30.30 19.49
C GLU B 66 -7.03 29.84 20.64
N GLY B 67 -6.93 28.51 20.83
CA GLY B 67 -6.24 27.94 21.98
C GLY B 67 -4.72 28.03 21.96
N GLU B 68 -4.10 27.60 23.06
CA GLU B 68 -2.66 27.77 23.31
C GLU B 68 -1.72 27.09 22.31
N THR B 69 -2.08 25.91 21.84
CA THR B 69 -1.19 25.18 20.97
C THR B 69 -1.10 25.87 19.61
N THR B 70 -2.26 26.25 19.04
CA THR B 70 -2.29 26.90 17.76
C THR B 70 -1.61 28.27 17.86
N THR B 71 -1.86 29.01 18.95
CA THR B 71 -1.30 30.34 19.03
C THR B 71 0.22 30.25 19.18
N PHE B 72 0.71 29.30 19.97
CA PHE B 72 2.15 28.97 20.05
C PHE B 72 2.77 28.67 18.68
N LEU B 73 2.13 27.77 17.93
CA LEU B 73 2.65 27.39 16.62
C LEU B 73 2.65 28.55 15.64
N MET B 74 1.62 29.41 15.71
CA MET B 74 1.53 30.57 14.86
C MET B 74 2.70 31.55 15.12
N GLU B 75 3.03 31.77 16.40
CA GLU B 75 4.11 32.67 16.82
C GLU B 75 5.42 32.12 16.28
N LEU B 76 5.61 30.81 16.40
CA LEU B 76 6.83 30.16 15.94
C LEU B 76 6.95 30.22 14.40
N ALA B 77 5.84 29.92 13.71
CA ALA B 77 5.86 29.94 12.24
C ALA B 77 6.18 31.33 11.68
N ARG B 78 5.61 32.38 12.31
CA ARG B 78 5.89 33.80 11.97
C ARG B 78 7.37 34.14 12.21
N GLU B 79 7.88 33.80 13.39
CA GLU B 79 9.25 34.07 13.71
C GLU B 79 10.27 33.42 12.77
N LEU B 80 9.99 32.20 12.35
CA LEU B 80 10.93 31.42 11.53
C LEU B 80 10.57 31.42 10.06
N GLY B 81 9.45 32.04 9.69
CA GLY B 81 9.01 32.08 8.29
C GLY B 81 8.87 30.68 7.71
N LEU B 82 8.18 29.80 8.43
CA LEU B 82 7.98 28.46 7.88
C LEU B 82 6.57 27.96 8.11
N TYR B 83 6.25 26.82 7.50
CA TYR B 83 4.93 26.15 7.64
C TYR B 83 5.10 24.96 8.58
N ILE B 84 4.12 24.75 9.44
CA ILE B 84 4.14 23.69 10.43
C ILE B 84 2.85 22.94 10.34
N VAL B 85 2.94 21.60 10.30
CA VAL B 85 1.80 20.71 10.49
C VAL B 85 2.10 19.99 11.81
N ALA B 86 1.16 19.99 12.74
CA ALA B 86 1.38 19.45 14.06
C ALA B 86 0.14 18.74 14.59
N GLY B 87 0.33 17.60 15.25
CA GLY B 87 -0.74 16.84 15.87
C GLY B 87 -1.09 17.50 17.20
N THR B 88 -2.39 17.68 17.44
CA THR B 88 -2.85 18.26 18.71
C THR B 88 -4.21 17.71 19.12
N ALA B 89 -4.44 17.61 20.42
CA ALA B 89 -5.81 17.29 20.92
C ALA B 89 -6.70 18.50 20.79
N GLU B 90 -7.76 18.40 19.99
CA GLU B 90 -8.65 19.52 19.73
C GLU B 90 -9.89 19.44 20.60
N LYS B 91 -10.15 20.51 21.36
CA LYS B 91 -11.45 20.68 22.04
C LYS B 91 -12.34 21.47 21.14
N SER B 92 -13.51 20.90 20.82
CA SER B 92 -14.52 21.57 19.97
C SER B 92 -15.88 21.43 20.62
N GLY B 93 -16.28 22.48 21.36
CA GLY B 93 -17.46 22.46 22.20
C GLY B 93 -17.27 21.40 23.25
N ASN B 94 -18.17 20.42 23.25
CA ASN B 94 -18.08 19.30 24.20
C ASN B 94 -17.31 18.06 23.72
N TYR B 95 -16.84 18.11 22.48
CA TYR B 95 -16.19 16.98 21.79
C TYR B 95 -14.68 17.17 21.76
N LEU B 96 -13.94 16.05 21.67
CA LEU B 96 -12.52 16.06 21.48
C LEU B 96 -12.23 15.39 20.17
N TYR B 97 -11.32 15.98 19.40
CA TYR B 97 -10.82 15.38 18.14
C TYR B 97 -9.31 15.19 18.22
N ASN B 98 -8.83 14.16 17.54
CA ASN B 98 -7.40 13.90 17.44
C ASN B 98 -7.04 14.59 16.09
N SER B 99 -6.46 15.79 16.20
CA SER B 99 -6.39 16.68 15.08
C SER B 99 -4.96 17.07 14.69
N ALA B 100 -4.85 17.70 13.53
CA ALA B 100 -3.62 18.33 13.09
C ALA B 100 -3.93 19.71 12.62
N VAL B 101 -3.06 20.64 13.00
CA VAL B 101 -3.18 22.04 12.65
C VAL B 101 -2.10 22.41 11.68
N VAL B 102 -2.47 23.21 10.67
CA VAL B 102 -1.55 23.73 9.67
C VAL B 102 -1.47 25.26 9.91
N VAL B 103 -0.25 25.74 10.09
CA VAL B 103 0.03 27.16 10.26
C VAL B 103 1.18 27.55 9.35
N GLY B 104 1.25 28.86 9.07
CA GLY B 104 2.28 29.37 8.18
C GLY B 104 2.68 30.75 8.70
N PRO B 105 3.58 31.41 7.95
CA PRO B 105 4.12 32.71 8.36
C PRO B 105 3.04 33.76 8.63
N ARG B 106 1.86 33.67 7.99
CA ARG B 106 0.80 34.71 8.14
C ARG B 106 -0.24 34.27 9.17
N GLY B 107 -0.18 33.03 9.66
CA GLY B 107 -1.08 32.61 10.67
C GLY B 107 -1.68 31.24 10.40
N TYR B 108 -2.87 31.02 10.95
CA TYR B 108 -3.60 29.74 10.90
C TYR B 108 -4.06 29.46 9.47
N ILE B 109 -3.83 28.25 8.96
CA ILE B 109 -4.24 27.90 7.65
C ILE B 109 -5.45 26.97 7.68
N GLY B 110 -5.43 25.98 8.55
CA GLY B 110 -6.55 25.02 8.58
C GLY B 110 -6.29 23.83 9.46
N LYS B 111 -7.22 22.87 9.47
CA LYS B 111 -7.04 21.73 10.34
C LYS B 111 -7.60 20.48 9.67
N TYR B 112 -7.21 19.35 10.23
CA TYR B 112 -7.59 17.98 9.81
C TYR B 112 -7.94 17.21 11.08
N ARG B 113 -9.01 16.41 11.05
CA ARG B 113 -9.44 15.59 12.21
C ARG B 113 -9.34 14.11 11.83
N LYS B 114 -8.58 13.34 12.59
CA LYS B 114 -8.24 11.95 12.27
C LYS B 114 -9.50 11.16 12.01
N ILE B 115 -9.58 10.60 10.82
CA ILE B 115 -10.72 9.89 10.31
C ILE B 115 -10.79 8.46 10.84
N HIS B 116 -9.64 7.79 10.96
CA HIS B 116 -9.58 6.39 11.41
C HIS B 116 -8.92 6.28 12.79
N LEU B 117 -9.74 6.22 13.83
CA LEU B 117 -9.21 6.15 15.20
C LEU B 117 -8.60 4.78 15.51
N PHE B 118 -7.49 4.78 16.25
CA PHE B 118 -6.79 3.56 16.60
C PHE B 118 -6.98 3.21 18.08
N TYR B 119 -7.41 1.98 18.30
CA TYR B 119 -7.45 1.34 19.65
C TYR B 119 -8.16 2.28 20.64
N ARG B 120 -7.52 2.64 21.75
CA ARG B 120 -8.18 3.38 22.87
C ARG B 120 -8.51 4.82 22.49
N GLU B 121 -8.03 5.31 21.34
CA GLU B 121 -8.50 6.60 20.87
C GLU B 121 -9.99 6.72 20.79
N LYS B 122 -10.65 5.61 20.45
CA LYS B 122 -12.11 5.51 20.34
C LYS B 122 -12.85 5.88 21.64
N VAL B 123 -12.17 5.72 22.77
CA VAL B 123 -12.71 6.00 24.09
C VAL B 123 -12.69 7.51 24.34
N PHE B 124 -11.74 8.23 23.73
CA PHE B 124 -11.60 9.67 24.07
C PHE B 124 -12.10 10.60 22.98
N PHE B 125 -11.86 10.20 21.73
CA PHE B 125 -12.04 11.07 20.62
C PHE B 125 -13.21 10.75 19.76
N GLU B 126 -13.82 11.78 19.19
CA GLU B 126 -14.79 11.64 18.12
C GLU B 126 -14.07 11.35 16.81
N PRO B 127 -14.60 10.46 15.95
CA PRO B 127 -14.02 10.22 14.64
C PRO B 127 -14.09 11.50 13.82
N GLY B 128 -13.06 11.75 13.00
CA GLY B 128 -13.02 12.95 12.23
C GLY B 128 -14.15 13.10 11.23
N ASP B 129 -14.54 14.35 11.03
CA ASP B 129 -15.70 14.66 10.23
C ASP B 129 -15.48 15.75 9.16
N LEU B 130 -14.24 16.12 8.88
CA LEU B 130 -13.95 17.11 7.86
C LEU B 130 -13.47 16.55 6.57
N GLY B 131 -13.27 15.24 6.53
CA GLY B 131 -12.66 14.62 5.37
C GLY B 131 -11.14 14.87 5.29
N PHE B 132 -10.55 14.44 4.16
CA PHE B 132 -9.14 14.54 3.86
C PHE B 132 -8.98 15.82 3.07
N LYS B 133 -8.18 16.74 3.61
CA LYS B 133 -7.98 18.06 3.02
C LYS B 133 -6.58 18.25 2.53
N VAL B 134 -6.47 19.01 1.44
CA VAL B 134 -5.20 19.48 0.89
C VAL B 134 -5.09 21.00 1.11
N PHE B 135 -3.96 21.43 1.66
CA PHE B 135 -3.70 22.83 2.00
C PHE B 135 -2.65 23.44 1.07
N ASP B 136 -2.92 24.65 0.60
CA ASP B 136 -2.02 25.35 -0.31
C ASP B 136 -1.05 26.15 0.54
N ILE B 137 0.24 25.81 0.49
CA ILE B 137 1.24 26.58 1.23
C ILE B 137 2.20 27.33 0.26
N GLY B 138 1.69 27.70 -0.92
CA GLY B 138 2.41 28.55 -1.87
C GLY B 138 3.32 27.74 -2.75
N PHE B 139 4.37 27.17 -2.16
CA PHE B 139 5.30 26.40 -2.99
C PHE B 139 4.82 24.96 -3.26
N ALA B 140 3.78 24.53 -2.53
CA ALA B 140 3.27 23.17 -2.68
C ALA B 140 1.85 23.02 -2.14
N LYS B 141 1.18 21.93 -2.53
CA LYS B 141 -0.06 21.48 -1.92
C LYS B 141 0.30 20.36 -0.99
N VAL B 142 -0.12 20.49 0.29
CA VAL B 142 0.21 19.55 1.31
C VAL B 142 -1.06 18.87 1.80
N GLY B 143 -1.11 17.54 1.74
CA GLY B 143 -2.23 16.81 2.31
C GLY B 143 -1.80 16.40 3.71
N VAL B 144 -2.77 16.19 4.58
CA VAL B 144 -2.48 15.77 5.94
C VAL B 144 -3.29 14.52 6.27
N MET B 145 -2.62 13.55 6.90
CA MET B 145 -3.30 12.40 7.53
C MET B 145 -2.54 12.13 8.83
N ILE B 146 -3.17 11.41 9.74
CA ILE B 146 -2.61 11.17 11.07
C ILE B 146 -2.48 9.71 11.36
N ALA B 147 -1.28 9.30 11.81
CA ALA B 147 -0.97 7.99 12.31
C ALA B 147 -1.71 6.85 11.56
N PHE B 148 -2.61 6.13 12.23
CA PHE B 148 -3.34 4.95 11.68
C PHE B 148 -4.05 5.17 10.33
N ASP B 149 -4.31 6.42 9.96
CA ASP B 149 -4.79 6.71 8.59
C ASP B 149 -3.91 6.01 7.52
N TRP B 150 -2.61 5.79 7.82
CA TRP B 150 -1.68 5.17 6.85
C TRP B 150 -2.15 3.77 6.45
N PHE B 151 -2.83 3.10 7.39
CA PHE B 151 -3.23 1.71 7.21
C PHE B 151 -4.22 1.53 6.08
N PHE B 152 -5.04 2.57 5.87
CA PHE B 152 -6.05 2.58 4.84
C PHE B 152 -5.50 3.24 3.58
N PRO B 153 -5.28 2.47 2.50
CA PRO B 153 -4.69 3.05 1.28
C PRO B 153 -5.56 4.17 0.68
N GLU B 154 -6.84 4.22 1.03
CA GLU B 154 -7.72 5.26 0.59
C GLU B 154 -7.35 6.65 1.14
N SER B 155 -6.71 6.71 2.32
CA SER B 155 -6.33 7.96 2.91
C SER B 155 -5.35 8.75 2.01
N ALA B 156 -4.18 8.16 1.72
CA ALA B 156 -3.19 8.84 0.91
C ALA B 156 -3.71 9.00 -0.50
N ARG B 157 -4.45 8.02 -0.99
CA ARG B 157 -5.00 8.07 -2.38
C ARG B 157 -5.95 9.27 -2.51
N THR B 158 -6.80 9.51 -1.53
CA THR B 158 -7.76 10.60 -1.60
C THR B 158 -6.99 11.94 -1.58
N LEU B 159 -5.96 12.03 -0.72
CA LEU B 159 -5.12 13.26 -0.66
C LEU B 159 -4.41 13.53 -2.01
N ALA B 160 -3.80 12.49 -2.59
CA ALA B 160 -3.09 12.62 -3.84
C ALA B 160 -4.04 12.96 -4.99
N LEU B 161 -5.22 12.33 -5.00
CA LEU B 161 -6.21 12.65 -6.05
C LEU B 161 -6.75 14.10 -5.94
N LYS B 162 -6.73 14.65 -4.72
CA LYS B 162 -7.03 16.08 -4.50
C LYS B 162 -5.88 17.01 -4.74
N GLY B 163 -4.75 16.48 -5.22
CA GLY B 163 -3.64 17.33 -5.63
C GLY B 163 -2.44 17.41 -4.67
N ALA B 164 -2.47 16.67 -3.56
CA ALA B 164 -1.33 16.64 -2.64
C ALA B 164 -0.05 16.23 -3.33
N GLU B 165 1.01 17.03 -3.15
CA GLU B 165 2.37 16.71 -3.62
C GLU B 165 3.23 16.19 -2.47
N ILE B 166 2.87 16.65 -1.28
CA ILE B 166 3.50 16.19 -0.03
C ILE B 166 2.37 15.76 0.87
N ILE B 167 2.55 14.61 1.51
CA ILE B 167 1.64 14.20 2.59
C ILE B 167 2.37 14.33 3.90
N ALA B 168 1.92 15.27 4.71
CA ALA B 168 2.40 15.41 6.05
C ALA B 168 1.62 14.47 6.95
N HIS B 169 2.36 13.71 7.78
CA HIS B 169 1.85 12.61 8.53
C HIS B 169 2.32 12.60 9.98
N PRO B 170 1.76 13.47 10.84
CA PRO B 170 1.97 13.36 12.29
C PRO B 170 1.61 11.94 12.73
N ALA B 171 2.46 11.31 13.56
CA ALA B 171 2.12 9.97 14.00
C ALA B 171 2.66 9.69 15.41
N ASN B 172 2.00 8.75 16.11
CA ASN B 172 2.49 8.08 17.31
C ASN B 172 2.38 6.59 17.04
N LEU B 173 3.40 6.02 16.42
CA LEU B 173 3.38 4.65 15.94
C LEU B 173 3.75 3.64 17.04
N VAL B 174 2.97 2.58 17.15
CA VAL B 174 3.27 1.50 18.06
C VAL B 174 3.42 0.15 17.35
N MET B 175 2.83 -0.02 16.16
CA MET B 175 3.04 -1.25 15.37
C MET B 175 4.34 -1.13 14.57
N PRO B 176 4.95 -2.25 14.13
CA PRO B 176 6.23 -2.20 13.43
C PRO B 176 6.13 -1.84 11.94
N TYR B 177 4.93 -1.69 11.41
CA TYR B 177 4.69 -1.75 9.94
C TYR B 177 4.94 -0.44 9.19
N ALA B 178 4.62 0.73 9.79
CA ALA B 178 4.51 1.94 8.98
C ALA B 178 5.80 2.32 8.25
N PRO B 179 6.98 2.13 8.85
CA PRO B 179 8.24 2.40 8.14
C PRO B 179 8.41 1.56 6.87
N ARG B 180 7.85 0.35 6.79
CA ARG B 180 7.84 -0.47 5.56
C ARG B 180 6.73 0.01 4.62
N ALA B 181 5.61 0.49 5.16
CA ALA B 181 4.46 0.85 4.34
C ALA B 181 4.57 2.24 3.70
N MET B 182 5.11 3.20 4.44
CA MET B 182 5.11 4.59 3.97
C MET B 182 5.77 4.77 2.61
N PRO B 183 6.91 4.11 2.30
CA PRO B 183 7.48 4.22 0.96
C PRO B 183 6.57 3.72 -0.17
N ILE B 184 5.74 2.71 0.12
CA ILE B 184 4.78 2.21 -0.82
C ILE B 184 3.62 3.21 -1.00
N ARG B 185 3.14 3.83 0.07
CA ARG B 185 2.16 4.95 -0.01
C ARG B 185 2.74 6.10 -0.89
N ALA B 186 4.01 6.41 -0.71
CA ALA B 186 4.63 7.43 -1.55
C ALA B 186 4.68 7.01 -3.02
N LEU B 187 5.18 5.79 -3.25
CA LEU B 187 5.33 5.23 -4.58
C LEU B 187 4.02 5.16 -5.36
N GLU B 188 2.97 4.59 -4.75
CA GLU B 188 1.71 4.31 -5.46
C GLU B 188 0.95 5.58 -5.86
N ASN B 189 1.20 6.67 -5.12
CA ASN B 189 0.59 7.95 -5.37
C ASN B 189 1.51 8.99 -6.02
N ARG B 190 2.77 8.59 -6.18
CA ARG B 190 3.89 9.44 -6.65
C ARG B 190 3.89 10.73 -5.86
N VAL B 191 4.00 10.63 -4.52
CA VAL B 191 4.07 11.81 -3.70
C VAL B 191 5.24 11.63 -2.74
N TYR B 192 5.66 12.73 -2.10
CA TYR B 192 6.58 12.66 -0.94
C TYR B 192 5.73 12.46 0.31
N THR B 193 6.28 11.75 1.30
CA THR B 193 5.57 11.57 2.57
C THR B 193 6.54 11.91 3.67
N ILE B 194 6.06 12.70 4.67
CA ILE B 194 6.84 13.02 5.82
C ILE B 194 6.09 12.51 7.06
N THR B 195 6.63 11.44 7.68
CA THR B 195 6.04 10.80 8.84
C THR B 195 6.82 11.26 10.00
N ALA B 196 6.21 12.06 10.88
CA ALA B 196 6.87 12.51 12.07
C ALA B 196 6.33 11.71 13.25
N ASP B 197 7.17 10.81 13.77
CA ASP B 197 6.79 9.93 14.87
C ASP B 197 7.35 10.48 16.13
N ARG B 198 6.74 10.12 17.25
CA ARG B 198 7.38 10.31 18.56
C ARG B 198 8.26 9.12 18.94
N VAL B 199 8.95 9.26 20.08
CA VAL B 199 9.75 8.22 20.70
C VAL B 199 9.28 8.11 22.16
N GLY B 200 9.84 7.12 22.86
CA GLY B 200 9.67 6.93 24.27
C GLY B 200 8.70 5.86 24.62
N GLU B 201 8.63 5.63 25.93
CA GLU B 201 7.65 4.77 26.55
C GLU B 201 6.79 5.68 27.43
N GLU B 202 5.46 5.47 27.36
CA GLU B 202 4.52 6.30 28.06
C GLU B 202 3.51 5.42 28.73
N ARG B 203 3.57 5.35 30.06
CA ARG B 203 2.64 4.51 30.86
C ARG B 203 2.58 3.10 30.28
N GLY B 204 3.74 2.51 29.98
CA GLY B 204 3.78 1.15 29.50
C GLY B 204 3.72 0.96 27.99
N LEU B 205 3.45 2.03 27.23
CA LEU B 205 3.29 1.94 25.76
C LEU B 205 4.54 2.47 25.07
N LYS B 206 5.15 1.64 24.22
CA LYS B 206 6.40 2.01 23.56
C LYS B 206 6.13 2.46 22.11
N PHE B 207 6.59 3.66 21.77
CA PHE B 207 6.52 4.14 20.40
C PHE B 207 7.82 3.79 19.65
N ILE B 208 7.73 3.67 18.31
CA ILE B 208 8.81 3.05 17.57
C ILE B 208 9.82 4.02 16.94
N GLY B 209 9.60 5.33 17.06
CA GLY B 209 10.48 6.30 16.40
C GLY B 209 10.39 6.07 14.90
N LYS B 210 11.54 6.04 14.24
CA LYS B 210 11.62 5.80 12.81
C LYS B 210 10.77 6.79 11.95
N SER B 211 10.80 8.08 12.32
CA SER B 211 10.25 9.09 11.47
C SER B 211 10.95 8.95 10.13
N LEU B 212 10.26 9.25 9.03
CA LEU B 212 10.87 9.09 7.75
C LEU B 212 10.25 9.92 6.67
N ILE B 213 11.09 10.23 5.69
CA ILE B 213 10.66 10.94 4.50
C ILE B 213 10.88 10.00 3.34
N ALA B 214 9.81 9.78 2.55
CA ALA B 214 9.86 8.87 1.42
C ALA B 214 9.53 9.62 0.13
N SER B 215 10.18 9.20 -0.96
CA SER B 215 10.01 9.82 -2.27
C SER B 215 9.00 9.11 -3.13
N PRO B 216 8.55 9.75 -4.23
CA PRO B 216 7.71 9.09 -5.22
C PRO B 216 8.30 7.82 -5.84
N LYS B 217 9.59 7.58 -5.63
CA LYS B 217 10.21 6.34 -6.09
C LYS B 217 10.47 5.32 -4.99
N ALA B 218 9.78 5.49 -3.85
CA ALA B 218 9.92 4.63 -2.69
C ALA B 218 11.27 4.67 -2.04
N GLU B 219 12.02 5.77 -2.21
CA GLU B 219 13.33 5.90 -1.56
C GLU B 219 13.09 6.46 -0.22
N VAL B 220 13.77 5.88 0.77
CA VAL B 220 13.79 6.47 2.12
C VAL B 220 14.87 7.54 2.08
N LEU B 221 14.46 8.79 2.03
CA LEU B 221 15.40 9.92 1.98
C LEU B 221 16.01 10.26 3.34
N SER B 222 15.29 9.95 4.41
CA SER B 222 15.77 10.17 5.76
C SER B 222 14.97 9.26 6.64
N ILE B 223 15.63 8.63 7.61
CA ILE B 223 14.91 7.83 8.59
C ILE B 223 15.58 8.03 9.94
N ALA B 224 14.77 8.20 10.97
CA ALA B 224 15.26 8.52 12.28
C ALA B 224 15.54 7.27 13.10
N SER B 225 16.19 7.47 14.23
CA SER B 225 16.40 6.40 15.19
C SER B 225 15.10 5.94 15.81
N GLU B 226 15.21 4.79 16.50
CA GLU B 226 14.11 4.24 17.28
C GLU B 226 13.83 5.01 18.54
N THR B 227 14.87 5.61 19.15
CA THR B 227 14.77 6.10 20.53
C THR B 227 15.07 7.57 20.76
N GLU B 228 15.84 8.19 19.87
CA GLU B 228 16.35 9.54 20.10
C GLU B 228 15.46 10.67 19.50
N GLU B 229 15.41 11.82 20.19
CA GLU B 229 14.78 13.00 19.61
C GLU B 229 15.73 13.55 18.56
N GLU B 230 15.19 13.91 17.40
CA GLU B 230 16.04 14.41 16.33
C GLU B 230 15.17 15.02 15.25
N ILE B 231 15.84 15.76 14.35
CA ILE B 231 15.19 16.30 13.16
C ILE B 231 15.73 15.58 11.97
N GLY B 232 15.01 15.65 10.85
CA GLY B 232 15.49 15.23 9.59
C GLY B 232 14.95 16.16 8.55
N VAL B 233 15.86 16.76 7.78
CA VAL B 233 15.52 17.72 6.74
C VAL B 233 16.17 17.29 5.47
N VAL B 234 15.41 17.25 4.40
CA VAL B 234 15.97 16.94 3.09
C VAL B 234 15.37 17.82 2.03
N GLU B 235 16.13 18.01 0.95
CA GLU B 235 15.64 18.69 -0.22
C GLU B 235 14.89 17.76 -1.13
N ILE B 236 13.66 18.12 -1.50
CA ILE B 236 12.85 17.30 -2.36
C ILE B 236 12.56 18.10 -3.65
N ASP B 237 12.24 17.36 -4.71
CA ASP B 237 11.97 17.93 -6.04
C ASP B 237 10.52 17.75 -6.33
N LEU B 238 9.76 18.81 -6.15
CA LEU B 238 8.32 18.72 -6.27
C LEU B 238 7.84 18.35 -7.65
N ASN B 239 8.62 18.59 -8.69
CA ASN B 239 8.25 18.09 -10.03
C ASN B 239 8.14 16.58 -10.16
N LEU B 240 8.84 15.83 -9.30
CA LEU B 240 8.75 14.39 -9.30
C LEU B 240 7.41 13.94 -8.74
N ALA B 241 6.76 14.76 -7.92
CA ALA B 241 5.42 14.47 -7.42
C ALA B 241 4.35 14.94 -8.34
N ARG B 242 4.60 16.03 -9.08
CA ARG B 242 3.59 16.64 -10.01
C ARG B 242 3.50 15.82 -11.30
N ASN B 243 4.59 15.20 -11.70
CA ASN B 243 4.66 14.37 -12.88
C ASN B 243 4.39 12.91 -12.49
N LYS B 244 3.24 12.42 -12.90
CA LYS B 244 2.79 11.07 -12.52
C LYS B 244 3.23 9.99 -13.47
N ARG B 245 4.12 10.32 -14.40
CA ARG B 245 4.68 9.32 -15.36
C ARG B 245 5.61 8.39 -14.59
N LEU B 246 5.31 7.10 -14.67
CA LEU B 246 6.13 6.07 -14.03
C LEU B 246 7.21 5.74 -15.04
N ASN B 247 6.82 5.71 -16.32
CA ASN B 247 7.69 5.48 -17.40
C ASN B 247 7.04 6.15 -18.58
N ASP B 248 7.66 6.05 -19.74
CA ASP B 248 7.19 6.77 -20.89
C ASP B 248 5.86 6.35 -21.46
N MET B 249 5.26 5.25 -21.00
CA MET B 249 3.92 4.85 -21.51
C MET B 249 2.81 4.71 -20.44
N ASN B 250 3.19 4.83 -19.16
CA ASN B 250 2.25 4.69 -18.01
C ASN B 250 2.29 5.97 -17.12
N ASP B 251 1.17 6.66 -17.08
CA ASP B 251 0.94 7.75 -16.13
C ASP B 251 -0.02 7.20 -15.10
N ILE B 252 0.40 7.24 -13.83
CA ILE B 252 -0.28 6.51 -12.80
C ILE B 252 -1.71 6.92 -12.62
N PHE B 253 -1.97 8.22 -12.61
CA PHE B 253 -3.36 8.67 -12.43
C PHE B 253 -4.25 8.54 -13.69
N LYS B 254 -3.66 8.74 -14.86
CA LYS B 254 -4.42 8.48 -16.10
C LYS B 254 -4.69 6.97 -16.30
N ASP B 255 -3.84 6.13 -15.72
CA ASP B 255 -4.03 4.67 -15.83
C ASP B 255 -5.04 4.05 -14.88
N ARG B 256 -5.50 4.80 -13.89
CA ARG B 256 -6.57 4.33 -12.96
C ARG B 256 -7.86 4.12 -13.75
N ARG B 257 -8.59 3.05 -13.42
CA ARG B 257 -9.85 2.66 -14.09
C ARG B 257 -10.95 2.51 -13.03
N GLU B 258 -11.47 3.66 -12.57
CA GLU B 258 -12.41 3.72 -11.48
C GLU B 258 -13.64 2.88 -11.66
N GLU B 259 -14.08 2.69 -12.90
CA GLU B 259 -15.25 1.86 -13.17
C GLU B 259 -15.13 0.43 -12.67
N TYR B 260 -13.89 -0.04 -12.41
CA TYR B 260 -13.66 -1.43 -11.94
C TYR B 260 -13.32 -1.48 -10.45
N TYR B 261 -13.26 -0.36 -9.75
CA TYR B 261 -12.86 -0.35 -8.31
C TYR B 261 -14.11 -0.42 -7.41
N PHE B 262 -14.02 -1.14 -6.29
CA PHE B 262 -15.09 -1.23 -5.28
C PHE B 262 -16.47 -1.74 -5.79
N ARG B 263 -16.49 -2.47 -6.92
CA ARG B 263 -17.73 -2.92 -7.62
C ARG B 263 -17.46 -4.18 -8.44
#